data_8PWK
#
_entry.id   8PWK
#
_cell.length_a   77.961
_cell.length_b   46.45
_cell.length_c   63.771
_cell.angle_alpha   90
_cell.angle_beta   94.98
_cell.angle_gamma   90
#
_symmetry.space_group_name_H-M   'C 1 2 1'
#
loop_
_entity.id
_entity.type
_entity.pdbx_description
1 polymer 'Histidine triad nucleotide-binding protein 1'
2 non-polymer '[(2~{R},3~{R},4~{R},5~{R})-5-[2-azanyl-6-(methylamino)purin-9-yl]-4-fluoranyl-4-methyl-3-oxidanyl-oxolan-2-yl]methyl dihydrogen phosphate'
3 non-polymer 'SODIUM ION'
4 water water
#
_entity_poly.entity_id   1
_entity_poly.type   'polypeptide(L)'
_entity_poly.pdbx_seq_one_letter_code
;MADEIAKAQVARPGGDTIFGKIIRKEIPAKIIFEDDRCLAFHDISPQAPTHFLVIPKKHISQISVAEDDDESLLGHLMIV
GKKCAADLGLNKGYRMVVNEGSDGGQSVYHVHLHVLGGRQMHWPPG
;
_entity_poly.pdbx_strand_id   A,B
#
# COMPACT_ATOMS: atom_id res chain seq x y z
N ARG A 12 -11.77 -23.50 -2.82
CA ARG A 12 -12.69 -22.70 -3.63
C ARG A 12 -11.95 -21.53 -4.27
N PRO A 13 -12.16 -21.27 -5.58
CA PRO A 13 -11.44 -20.15 -6.22
C PRO A 13 -11.75 -18.82 -5.55
N GLY A 14 -10.74 -18.21 -4.95
CA GLY A 14 -10.94 -16.98 -4.19
C GLY A 14 -11.02 -17.18 -2.69
N GLY A 15 -11.25 -18.42 -2.24
CA GLY A 15 -11.33 -18.79 -0.83
C GLY A 15 -12.70 -18.61 -0.20
N ASP A 16 -12.81 -18.84 1.14
CA ASP A 16 -14.11 -18.68 1.79
C ASP A 16 -14.22 -17.51 2.76
N THR A 17 -13.27 -16.55 2.75
CA THR A 17 -13.47 -15.30 3.51
C THR A 17 -14.61 -14.55 2.81
N ILE A 18 -15.17 -13.49 3.44
CA ILE A 18 -16.20 -12.68 2.78
C ILE A 18 -15.73 -12.18 1.38
N PHE A 19 -14.41 -11.99 1.19
CA PHE A 19 -13.88 -11.51 -0.10
C PHE A 19 -13.96 -12.58 -1.19
N GLY A 20 -13.80 -13.84 -0.82
CA GLY A 20 -13.93 -14.95 -1.76
C GLY A 20 -15.35 -15.09 -2.24
N LYS A 21 -16.32 -14.89 -1.35
CA LYS A 21 -17.75 -14.88 -1.67
C LYS A 21 -18.09 -13.73 -2.64
N ILE A 22 -17.51 -12.56 -2.44
CA ILE A 22 -17.74 -11.39 -3.29
C ILE A 22 -17.15 -11.68 -4.66
N ILE A 23 -15.91 -12.23 -4.73
CA ILE A 23 -15.28 -12.62 -6.00
C ILE A 23 -16.19 -13.57 -6.81
N ARG A 24 -16.78 -14.57 -6.16
CA ARG A 24 -17.66 -15.52 -6.87
C ARG A 24 -19.11 -15.06 -6.99
N LYS A 25 -19.40 -13.75 -6.74
CA LYS A 25 -20.74 -13.17 -6.84
C LYS A 25 -21.77 -13.84 -5.93
N GLU A 26 -21.32 -14.46 -4.85
CA GLU A 26 -22.20 -15.13 -3.89
C GLU A 26 -22.77 -14.16 -2.85
N ILE A 27 -22.07 -13.04 -2.61
CA ILE A 27 -22.50 -11.95 -1.76
C ILE A 27 -22.46 -10.68 -2.63
N PRO A 28 -23.48 -9.83 -2.55
CA PRO A 28 -23.47 -8.60 -3.34
C PRO A 28 -22.42 -7.61 -2.85
N ALA A 29 -21.89 -6.82 -3.76
CA ALA A 29 -20.92 -5.78 -3.46
C ALA A 29 -21.10 -4.69 -4.52
N LYS A 30 -20.60 -3.48 -4.24
CA LYS A 30 -20.69 -2.38 -5.20
C LYS A 30 -19.40 -2.33 -6.00
N ILE A 31 -19.36 -3.06 -7.12
CA ILE A 31 -18.16 -3.21 -7.94
C ILE A 31 -17.84 -1.98 -8.75
N ILE A 32 -16.58 -1.54 -8.68
CA ILE A 32 -16.07 -0.42 -9.46
C ILE A 32 -15.37 -0.94 -10.72
N PHE A 33 -14.58 -2.01 -10.57
CA PHE A 33 -13.80 -2.54 -11.66
C PHE A 33 -13.47 -4.00 -11.41
N GLU A 34 -13.38 -4.77 -12.49
CA GLU A 34 -13.01 -6.17 -12.40
C GLU A 34 -12.20 -6.63 -13.62
N ASP A 35 -11.12 -7.37 -13.36
CA ASP A 35 -10.34 -8.00 -14.42
C ASP A 35 -10.01 -9.44 -13.99
N ASP A 36 -9.11 -10.13 -14.71
CA ASP A 36 -8.77 -11.52 -14.39
C ASP A 36 -7.92 -11.68 -13.13
N ARG A 37 -7.27 -10.59 -12.66
CA ARG A 37 -6.42 -10.69 -11.48
C ARG A 37 -6.97 -10.05 -10.24
N CYS A 38 -7.90 -9.09 -10.40
CA CYS A 38 -8.38 -8.36 -9.25
C CYS A 38 -9.82 -7.85 -9.38
N LEU A 39 -10.37 -7.35 -8.27
CA LEU A 39 -11.70 -6.80 -8.14
C LEU A 39 -11.58 -5.55 -7.25
N ALA A 40 -12.25 -4.46 -7.60
CA ALA A 40 -12.28 -3.26 -6.78
C ALA A 40 -13.73 -2.98 -6.41
N PHE A 41 -14.00 -2.71 -5.14
CA PHE A 41 -15.37 -2.49 -4.68
C PHE A 41 -15.42 -1.54 -3.49
N HIS A 42 -16.56 -0.90 -3.27
CA HIS A 42 -16.69 0.06 -2.16
C HIS A 42 -16.77 -0.61 -0.79
N ASP A 43 -16.06 -0.03 0.19
CA ASP A 43 -16.05 -0.50 1.57
C ASP A 43 -17.44 -0.24 2.25
N ILE A 44 -17.91 -1.18 3.07
CA ILE A 44 -19.21 -1.07 3.71
C ILE A 44 -19.23 -0.11 4.89
N SER A 45 -18.07 0.19 5.50
CA SER A 45 -17.99 1.13 6.61
C SER A 45 -16.96 2.17 6.19
N PRO A 46 -17.32 3.05 5.27
CA PRO A 46 -16.32 4.00 4.75
C PRO A 46 -15.75 4.92 5.80
N GLN A 47 -14.40 5.03 5.83
CA GLN A 47 -13.73 5.97 6.74
C GLN A 47 -13.41 7.30 6.02
N ALA A 48 -13.96 7.54 4.83
CA ALA A 48 -13.76 8.76 4.06
C ALA A 48 -14.90 8.88 3.05
N PRO A 49 -15.16 10.07 2.48
CA PRO A 49 -16.21 10.18 1.45
C PRO A 49 -16.11 9.14 0.34
N THR A 50 -14.88 8.81 -0.09
CA THR A 50 -14.65 7.72 -1.03
C THR A 50 -13.72 6.74 -0.31
N HIS A 51 -14.11 5.47 -0.24
CA HIS A 51 -13.32 4.45 0.42
C HIS A 51 -13.65 3.13 -0.26
N PHE A 52 -12.68 2.59 -1.01
CA PHE A 52 -12.86 1.32 -1.69
C PHE A 52 -11.71 0.36 -1.42
N LEU A 53 -11.88 -0.90 -1.85
CA LEU A 53 -10.88 -1.94 -1.68
C LEU A 53 -10.54 -2.55 -3.01
N VAL A 54 -9.29 -2.91 -3.19
CA VAL A 54 -8.86 -3.64 -4.37
C VAL A 54 -8.29 -4.96 -3.85
N ILE A 55 -8.83 -6.09 -4.31
CA ILE A 55 -8.38 -7.40 -3.84
C ILE A 55 -7.93 -8.28 -4.99
N PRO A 56 -6.91 -9.13 -4.79
CA PRO A 56 -6.59 -10.11 -5.83
C PRO A 56 -7.65 -11.20 -5.87
N LYS A 57 -7.80 -11.83 -7.03
CA LYS A 57 -8.69 -12.98 -7.17
C LYS A 57 -7.99 -14.22 -6.56
N LYS A 58 -6.66 -14.29 -6.64
CA LYS A 58 -5.88 -15.36 -6.03
C LYS A 58 -5.90 -15.12 -4.52
N HIS A 59 -6.23 -16.17 -3.76
CA HIS A 59 -6.23 -16.03 -2.31
C HIS A 59 -4.80 -16.02 -1.74
N ILE A 60 -4.46 -14.92 -1.09
CA ILE A 60 -3.24 -14.73 -0.33
C ILE A 60 -3.77 -14.22 1.02
N SER A 61 -3.54 -14.96 2.10
CA SER A 61 -4.10 -14.62 3.42
C SER A 61 -3.63 -13.28 3.95
N GLN A 62 -2.34 -12.98 3.83
CA GLN A 62 -1.79 -11.70 4.32
C GLN A 62 -0.50 -11.38 3.59
N ILE A 63 -0.13 -10.10 3.54
CA ILE A 63 1.05 -9.64 2.81
C ILE A 63 2.32 -10.31 3.36
N SER A 64 2.36 -10.66 4.66
CA SER A 64 3.55 -11.30 5.24
C SER A 64 3.83 -12.68 4.67
N VAL A 65 2.82 -13.33 4.05
CA VAL A 65 3.02 -14.66 3.45
C VAL A 65 2.94 -14.65 1.91
N ALA A 66 2.95 -13.47 1.28
CA ALA A 66 2.96 -13.38 -0.17
C ALA A 66 4.29 -13.94 -0.70
N GLU A 67 4.25 -14.65 -1.82
CA GLU A 67 5.45 -15.22 -2.42
C GLU A 67 6.17 -14.17 -3.27
N ASP A 68 7.45 -14.40 -3.61
CA ASP A 68 8.20 -13.47 -4.46
C ASP A 68 7.54 -13.29 -5.82
N ASP A 69 6.88 -14.31 -6.35
CA ASP A 69 6.22 -14.21 -7.65
C ASP A 69 4.87 -13.47 -7.61
N ASP A 70 4.44 -13.03 -6.41
CA ASP A 70 3.23 -12.24 -6.26
C ASP A 70 3.46 -10.74 -6.49
N GLU A 71 4.72 -10.31 -6.74
CA GLU A 71 5.10 -8.92 -6.99
C GLU A 71 4.21 -8.24 -8.02
N SER A 72 4.07 -8.83 -9.22
CA SER A 72 3.30 -8.24 -10.31
C SER A 72 1.86 -8.03 -9.91
N LEU A 73 1.27 -8.99 -9.19
CA LEU A 73 -0.10 -8.96 -8.74
C LEU A 73 -0.29 -7.85 -7.71
N LEU A 74 0.64 -7.74 -6.74
CA LEU A 74 0.56 -6.70 -5.73
C LEU A 74 0.71 -5.32 -6.33
N GLY A 75 1.58 -5.18 -7.33
CA GLY A 75 1.73 -3.92 -8.04
C GLY A 75 0.50 -3.58 -8.86
N HIS A 76 -0.15 -4.61 -9.43
CA HIS A 76 -1.38 -4.46 -10.21
C HIS A 76 -2.51 -3.97 -9.34
N LEU A 77 -2.56 -4.39 -8.05
CA LEU A 77 -3.57 -3.85 -7.13
C LEU A 77 -3.41 -2.32 -7.00
N MET A 78 -2.15 -1.83 -6.87
CA MET A 78 -1.89 -0.40 -6.75
C MET A 78 -2.16 0.36 -8.05
N ILE A 79 -1.86 -0.22 -9.22
CA ILE A 79 -2.14 0.46 -10.49
C ILE A 79 -3.66 0.57 -10.69
N VAL A 80 -4.38 -0.49 -10.34
CA VAL A 80 -5.85 -0.49 -10.44
C VAL A 80 -6.45 0.50 -9.41
N GLY A 81 -5.86 0.56 -8.21
CA GLY A 81 -6.31 1.49 -7.19
C GLY A 81 -6.16 2.94 -7.64
N LYS A 82 -5.03 3.29 -8.31
CA LYS A 82 -4.84 4.66 -8.77
C LYS A 82 -5.72 4.98 -10.00
N LYS A 83 -6.00 3.99 -10.86
CA LYS A 83 -6.89 4.19 -11.99
C LYS A 83 -8.32 4.40 -11.50
N CYS A 84 -8.78 3.57 -10.54
CA CYS A 84 -10.11 3.71 -9.98
C CYS A 84 -10.26 5.07 -9.28
N ALA A 85 -9.24 5.50 -8.50
CA ALA A 85 -9.29 6.81 -7.83
C ALA A 85 -9.45 7.94 -8.84
N ALA A 86 -8.72 7.92 -9.96
CA ALA A 86 -8.86 8.95 -10.98
C ALA A 86 -10.26 8.88 -11.65
N ASP A 87 -10.77 7.66 -11.90
CA ASP A 87 -12.10 7.47 -12.47
C ASP A 87 -13.23 7.91 -11.54
N LEU A 88 -12.99 7.89 -10.23
CA LEU A 88 -13.93 8.35 -9.22
C LEU A 88 -13.81 9.87 -8.92
N GLY A 89 -12.88 10.56 -9.58
CA GLY A 89 -12.70 12.00 -9.44
C GLY A 89 -11.86 12.44 -8.26
N LEU A 90 -11.01 11.55 -7.72
CA LEU A 90 -10.15 11.93 -6.58
C LEU A 90 -8.89 12.69 -7.06
N ASN A 91 -9.10 13.83 -7.75
CA ASN A 91 -8.06 14.68 -8.32
C ASN A 91 -7.14 15.35 -7.30
N LYS A 92 -7.57 15.45 -6.05
CA LYS A 92 -6.80 16.09 -4.98
C LYS A 92 -5.91 15.12 -4.20
N GLY A 93 -6.08 13.82 -4.41
CA GLY A 93 -5.26 12.83 -3.75
C GLY A 93 -6.06 11.81 -2.97
N TYR A 94 -5.33 10.85 -2.42
CA TYR A 94 -5.89 9.72 -1.67
C TYR A 94 -4.77 8.99 -0.92
N ARG A 95 -5.14 8.05 -0.06
CA ARG A 95 -4.19 7.26 0.67
C ARG A 95 -4.48 5.79 0.36
N MET A 96 -3.43 5.01 0.11
CA MET A 96 -3.54 3.57 -0.12
C MET A 96 -3.00 2.91 1.14
N VAL A 97 -3.69 1.91 1.68
CA VAL A 97 -3.29 1.26 2.94
C VAL A 97 -3.40 -0.28 2.86
N VAL A 98 -2.39 -1.01 3.35
CA VAL A 98 -2.47 -2.46 3.47
C VAL A 98 -2.26 -2.76 4.95
N ASN A 99 -3.20 -3.45 5.60
CA ASN A 99 -3.10 -3.79 7.00
C ASN A 99 -2.59 -5.21 7.15
N GLU A 100 -1.62 -5.43 8.03
CA GLU A 100 -1.07 -6.77 8.26
C GLU A 100 -1.21 -7.15 9.74
N GLY A 101 -1.85 -8.27 10.00
CA GLY A 101 -1.97 -8.80 11.36
C GLY A 101 -2.67 -7.91 12.37
N SER A 102 -2.52 -8.27 13.65
CA SER A 102 -3.17 -7.63 14.80
C SER A 102 -2.80 -6.16 14.96
N ASP A 103 -1.49 -5.84 14.98
CA ASP A 103 -1.04 -4.44 15.09
C ASP A 103 -1.45 -3.61 13.87
N GLY A 104 -1.57 -4.24 12.71
CA GLY A 104 -2.00 -3.56 11.50
C GLY A 104 -3.48 -3.30 11.48
N GLY A 105 -4.24 -4.00 12.31
CA GLY A 105 -5.70 -3.88 12.38
C GLY A 105 -6.42 -4.79 11.40
N GLN A 106 -5.72 -5.74 10.79
CA GLN A 106 -6.32 -6.62 9.80
C GLN A 106 -7.45 -7.49 10.39
N SER A 107 -8.62 -7.44 9.77
CA SER A 107 -9.78 -8.21 10.23
C SER A 107 -10.25 -9.26 9.20
N VAL A 108 -9.86 -9.13 7.91
CA VAL A 108 -10.17 -10.08 6.87
C VAL A 108 -8.85 -10.60 6.27
N TYR A 109 -8.60 -11.92 6.42
CA TYR A 109 -7.36 -12.52 5.97
C TYR A 109 -7.40 -13.01 4.51
N HIS A 110 -7.50 -12.04 3.62
CA HIS A 110 -7.42 -12.13 2.16
C HIS A 110 -6.85 -10.74 1.84
N VAL A 111 -5.63 -10.67 1.27
CA VAL A 111 -4.93 -9.42 0.95
C VAL A 111 -5.83 -8.41 0.28
N HIS A 112 -5.81 -7.16 0.76
CA HIS A 112 -6.61 -6.10 0.18
C HIS A 112 -5.97 -4.74 0.42
N LEU A 113 -6.07 -3.88 -0.61
CA LEU A 113 -5.54 -2.54 -0.56
C LEU A 113 -6.72 -1.60 -0.38
N HIS A 114 -6.68 -0.77 0.67
CA HIS A 114 -7.68 0.26 0.93
C HIS A 114 -7.27 1.51 0.13
N VAL A 115 -8.23 2.24 -0.38
CA VAL A 115 -7.95 3.52 -1.06
C VAL A 115 -8.96 4.49 -0.48
N LEU A 116 -8.49 5.54 0.21
CA LEU A 116 -9.38 6.50 0.85
C LEU A 116 -9.14 7.88 0.30
N GLY A 117 -10.21 8.62 0.03
CA GLY A 117 -10.12 9.97 -0.50
C GLY A 117 -11.37 10.79 -0.32
N GLY A 118 -11.40 11.98 -0.91
CA GLY A 118 -12.53 12.89 -0.82
C GLY A 118 -12.47 13.83 0.38
N ARG A 119 -11.43 13.68 1.23
CA ARG A 119 -11.20 14.51 2.40
C ARG A 119 -9.69 14.57 2.68
N GLN A 120 -9.27 15.49 3.55
CA GLN A 120 -7.88 15.60 3.93
C GLN A 120 -7.56 14.43 4.84
N MET A 121 -6.59 13.59 4.45
CA MET A 121 -6.16 12.50 5.31
C MET A 121 -5.11 13.07 6.28
N HIS A 122 -5.13 12.62 7.54
CA HIS A 122 -4.27 13.12 8.61
C HIS A 122 -3.06 12.24 8.84
N TRP A 123 -2.07 12.77 9.59
CA TRP A 123 -0.85 12.05 9.94
C TRP A 123 -0.74 12.02 11.49
N PRO A 124 -0.34 10.90 12.14
CA PRO A 124 0.05 9.61 11.57
C PRO A 124 -1.14 8.89 10.94
N PRO A 125 -0.91 7.86 10.09
CA PRO A 125 -2.05 7.15 9.49
C PRO A 125 -2.55 6.05 10.45
N GLY A 126 -3.11 6.48 11.58
CA GLY A 126 -3.56 5.58 12.62
C GLY A 126 -2.38 5.36 13.54
N GLY B 15 14.32 17.55 -11.56
CA GLY B 15 13.43 17.77 -10.43
C GLY B 15 13.81 16.92 -9.23
N ASP B 16 15.01 17.15 -8.69
CA ASP B 16 15.54 16.38 -7.57
C ASP B 16 14.70 16.51 -6.30
N THR B 17 14.79 15.50 -5.45
CA THR B 17 14.06 15.40 -4.20
C THR B 17 15.08 14.95 -3.10
N ILE B 18 14.74 15.09 -1.81
CA ILE B 18 15.61 14.63 -0.74
C ILE B 18 15.83 13.09 -0.79
N PHE B 19 14.85 12.35 -1.30
CA PHE B 19 14.99 10.90 -1.49
C PHE B 19 16.00 10.55 -2.59
N GLY B 20 16.14 11.42 -3.60
CA GLY B 20 17.13 11.29 -4.65
C GLY B 20 18.52 11.45 -4.07
N LYS B 21 18.70 12.35 -3.10
CA LYS B 21 19.97 12.53 -2.43
C LYS B 21 20.32 11.32 -1.55
N ILE B 22 19.32 10.65 -0.98
CA ILE B 22 19.53 9.47 -0.15
C ILE B 22 19.97 8.31 -1.04
N ILE B 23 19.31 8.14 -2.20
CA ILE B 23 19.65 7.10 -3.18
C ILE B 23 21.09 7.30 -3.65
N ARG B 24 21.47 8.56 -3.92
CA ARG B 24 22.80 8.88 -4.38
C ARG B 24 23.87 8.90 -3.28
N LYS B 25 23.51 8.59 -2.02
CA LYS B 25 24.40 8.60 -0.84
C LYS B 25 25.00 10.00 -0.55
N GLU B 26 24.36 11.05 -1.02
CA GLU B 26 24.80 12.43 -0.80
C GLU B 26 24.49 12.94 0.62
N ILE B 27 23.50 12.32 1.29
CA ILE B 27 23.15 12.63 2.67
C ILE B 27 22.99 11.33 3.47
N PRO B 28 23.29 11.33 4.78
CA PRO B 28 23.12 10.09 5.57
C PRO B 28 21.67 9.66 5.73
N ALA B 29 21.51 8.35 5.91
CA ALA B 29 20.25 7.66 6.16
C ALA B 29 20.57 6.30 6.73
N LYS B 30 19.72 5.80 7.60
CA LYS B 30 19.90 4.46 8.18
C LYS B 30 19.28 3.47 7.20
N ILE B 31 20.11 3.00 6.26
CA ILE B 31 19.70 2.06 5.22
C ILE B 31 19.49 0.68 5.78
N ILE B 32 18.33 0.10 5.53
CA ILE B 32 17.98 -1.24 6.00
C ILE B 32 18.30 -2.28 4.94
N PHE B 33 18.05 -1.94 3.66
CA PHE B 33 18.24 -2.84 2.55
C PHE B 33 18.34 -2.08 1.24
N GLU B 34 19.11 -2.62 0.29
CA GLU B 34 19.22 -2.03 -1.04
C GLU B 34 19.44 -3.12 -2.06
N ASP B 35 18.83 -2.96 -3.24
CA ASP B 35 19.11 -3.88 -4.34
C ASP B 35 19.36 -3.03 -5.59
N ASP B 36 19.21 -3.58 -6.80
CA ASP B 36 19.46 -2.81 -8.02
C ASP B 36 18.31 -1.87 -8.39
N ARG B 37 17.13 -1.97 -7.75
CA ARG B 37 15.99 -1.14 -8.18
C ARG B 37 15.20 -0.45 -7.06
N CYS B 38 15.60 -0.66 -5.81
CA CYS B 38 14.92 -0.03 -4.68
C CYS B 38 15.86 0.11 -3.49
N LEU B 39 15.43 0.94 -2.52
CA LEU B 39 16.16 1.20 -1.30
C LEU B 39 15.15 1.32 -0.16
N ALA B 40 15.43 0.67 0.98
CA ALA B 40 14.59 0.75 2.18
C ALA B 40 15.41 1.43 3.27
N PHE B 41 14.83 2.42 3.97
CA PHE B 41 15.57 3.15 5.01
C PHE B 41 14.64 3.65 6.11
N HIS B 42 15.15 3.81 7.35
CA HIS B 42 14.32 4.30 8.44
C HIS B 42 13.86 5.74 8.19
N ASP B 43 12.60 6.04 8.53
CA ASP B 43 12.02 7.36 8.36
C ASP B 43 12.59 8.30 9.45
N ILE B 44 13.01 9.50 9.04
CA ILE B 44 13.61 10.49 9.93
C ILE B 44 12.58 11.15 10.89
N SER B 45 11.29 11.05 10.56
CA SER B 45 10.25 11.56 11.44
C SER B 45 9.29 10.40 11.71
N PRO B 46 9.72 9.44 12.57
CA PRO B 46 8.91 8.24 12.78
C PRO B 46 7.61 8.44 13.53
N GLN B 47 6.55 7.77 13.05
CA GLN B 47 5.21 7.82 13.66
C GLN B 47 4.87 6.56 14.47
N ALA B 48 5.83 5.67 14.67
CA ALA B 48 5.64 4.41 15.38
C ALA B 48 7.02 3.93 15.84
N PRO B 49 7.09 2.98 16.80
CA PRO B 49 8.42 2.48 17.24
C PRO B 49 9.30 2.02 16.08
N THR B 50 8.69 1.41 15.04
CA THR B 50 9.42 1.07 13.82
C THR B 50 8.68 1.77 12.66
N HIS B 51 9.36 2.63 11.91
CA HIS B 51 8.77 3.34 10.79
C HIS B 51 9.85 3.50 9.74
N PHE B 52 9.73 2.77 8.63
CA PHE B 52 10.67 2.87 7.54
C PHE B 52 9.98 3.07 6.20
N LEU B 53 10.76 3.41 5.18
CA LEU B 53 10.26 3.62 3.82
C LEU B 53 10.95 2.69 2.84
N VAL B 54 10.25 2.33 1.76
CA VAL B 54 10.79 1.55 0.67
C VAL B 54 10.50 2.42 -0.57
N ILE B 55 11.55 2.78 -1.33
CA ILE B 55 11.37 3.66 -2.48
C ILE B 55 12.00 3.08 -3.73
N PRO B 56 11.43 3.32 -4.93
CA PRO B 56 12.12 2.89 -6.16
C PRO B 56 13.31 3.80 -6.45
N LYS B 57 14.36 3.25 -7.07
CA LYS B 57 15.49 4.08 -7.50
C LYS B 57 15.08 4.95 -8.71
N LYS B 58 14.18 4.42 -9.56
CA LYS B 58 13.62 5.17 -10.67
C LYS B 58 12.73 6.26 -10.07
N HIS B 59 12.89 7.50 -10.52
CA HIS B 59 12.11 8.61 -9.99
C HIS B 59 10.70 8.67 -10.54
N ILE B 60 9.74 8.10 -9.81
CA ILE B 60 8.32 8.22 -10.13
C ILE B 60 7.87 9.21 -9.07
N SER B 61 7.41 10.41 -9.46
CA SER B 61 7.01 11.47 -8.53
C SER B 61 5.85 11.09 -7.63
N GLN B 62 4.83 10.43 -8.17
CA GLN B 62 3.65 10.05 -7.40
C GLN B 62 2.97 8.80 -7.99
N ILE B 63 2.20 8.05 -7.18
CA ILE B 63 1.57 6.83 -7.67
C ILE B 63 0.56 7.11 -8.79
N SER B 64 -0.06 8.30 -8.81
CA SER B 64 -1.04 8.63 -9.86
C SER B 64 -0.45 8.64 -11.28
N VAL B 65 0.87 8.84 -11.40
CA VAL B 65 1.54 8.88 -12.71
C VAL B 65 2.33 7.60 -13.04
N ALA B 66 2.34 6.58 -12.13
CA ALA B 66 3.01 5.31 -12.42
C ALA B 66 2.31 4.64 -13.60
N GLU B 67 3.09 4.01 -14.49
CA GLU B 67 2.51 3.37 -15.67
C GLU B 67 2.24 1.87 -15.44
N ASP B 68 1.57 1.20 -16.40
CA ASP B 68 1.29 -0.23 -16.28
C ASP B 68 2.60 -1.04 -16.20
N ASP B 69 3.66 -0.61 -16.89
CA ASP B 69 4.97 -1.28 -16.86
C ASP B 69 5.66 -1.21 -15.47
N ASP B 70 5.19 -0.34 -14.56
CA ASP B 70 5.77 -0.21 -13.24
C ASP B 70 5.20 -1.18 -12.21
N GLU B 71 4.18 -2.01 -12.58
CA GLU B 71 3.51 -2.94 -11.64
C GLU B 71 4.49 -3.81 -10.89
N SER B 72 5.44 -4.44 -11.60
CA SER B 72 6.41 -5.32 -10.98
C SER B 72 7.29 -4.56 -9.97
N LEU B 73 7.70 -3.35 -10.31
CA LEU B 73 8.50 -2.51 -9.43
C LEU B 73 7.71 -2.07 -8.16
N LEU B 74 6.43 -1.73 -8.32
CA LEU B 74 5.59 -1.36 -7.19
C LEU B 74 5.33 -2.53 -6.28
N GLY B 75 5.09 -3.71 -6.86
CA GLY B 75 4.92 -4.92 -6.06
C GLY B 75 6.20 -5.32 -5.35
N HIS B 76 7.37 -5.05 -5.99
CA HIS B 76 8.69 -5.31 -5.40
C HIS B 76 8.87 -4.49 -4.13
N LEU B 77 8.38 -3.22 -4.11
CA LEU B 77 8.45 -2.38 -2.91
C LEU B 77 7.75 -3.06 -1.72
N MET B 78 6.57 -3.68 -1.97
CA MET B 78 5.79 -4.37 -0.93
C MET B 78 6.42 -5.68 -0.47
N ILE B 79 7.06 -6.43 -1.38
CA ILE B 79 7.73 -7.68 -0.99
C ILE B 79 8.97 -7.34 -0.15
N VAL B 80 9.73 -6.32 -0.57
CA VAL B 80 10.91 -5.87 0.17
C VAL B 80 10.48 -5.31 1.54
N GLY B 81 9.39 -4.55 1.54
CA GLY B 81 8.80 -3.98 2.75
C GLY B 81 8.40 -5.05 3.73
N LYS B 82 7.71 -6.11 3.25
CA LYS B 82 7.29 -7.19 4.16
C LYS B 82 8.49 -8.03 4.63
N LYS B 83 9.53 -8.18 3.80
CA LYS B 83 10.74 -8.92 4.21
C LYS B 83 11.52 -8.15 5.23
N CYS B 84 11.65 -6.82 5.06
CA CYS B 84 12.32 -5.93 6.01
C CYS B 84 11.56 -5.94 7.32
N ALA B 85 10.22 -5.94 7.28
CA ALA B 85 9.43 -5.95 8.52
C ALA B 85 9.69 -7.23 9.32
N ALA B 86 9.82 -8.38 8.61
CA ALA B 86 10.09 -9.64 9.30
C ALA B 86 11.46 -9.60 9.97
N ASP B 87 12.49 -9.09 9.24
CA ASP B 87 13.86 -8.94 9.75
C ASP B 87 13.96 -7.93 10.89
N LEU B 88 13.06 -6.93 10.91
CA LEU B 88 13.02 -5.94 12.00
C LEU B 88 12.20 -6.42 13.22
N GLY B 89 11.69 -7.65 13.19
CA GLY B 89 10.95 -8.26 14.29
C GLY B 89 9.49 -7.83 14.42
N LEU B 90 8.85 -7.40 13.33
CA LEU B 90 7.44 -6.98 13.39
C LEU B 90 6.53 -8.21 13.29
N ASN B 91 6.64 -9.14 14.24
CA ASN B 91 5.86 -10.38 14.21
C ASN B 91 4.38 -10.20 14.61
N LYS B 92 4.02 -9.07 15.23
CA LYS B 92 2.62 -8.80 15.59
C LYS B 92 1.84 -8.03 14.50
N GLY B 93 2.50 -7.67 13.41
CA GLY B 93 1.84 -6.97 12.32
C GLY B 93 2.37 -5.57 12.07
N TYR B 94 1.85 -4.93 11.01
CA TYR B 94 2.27 -3.60 10.57
C TYR B 94 1.30 -2.98 9.56
N ARG B 95 1.51 -1.71 9.22
CA ARG B 95 0.67 -1.03 8.25
C ARG B 95 1.54 -0.48 7.16
N MET B 96 1.14 -0.69 5.91
CA MET B 96 1.83 -0.16 4.74
C MET B 96 0.97 0.96 4.17
N VAL B 97 1.58 2.11 3.91
CA VAL B 97 0.83 3.28 3.43
C VAL B 97 1.51 3.95 2.22
N VAL B 98 0.72 4.38 1.24
CA VAL B 98 1.23 5.15 0.11
C VAL B 98 0.33 6.38 0.05
N ASN B 99 0.92 7.57 0.21
CA ASN B 99 0.18 8.82 0.17
C ASN B 99 0.27 9.41 -1.23
N GLU B 100 -0.83 9.93 -1.73
CA GLU B 100 -0.85 10.58 -3.04
C GLU B 100 -1.42 11.99 -2.89
N GLY B 101 -0.73 12.99 -3.41
CA GLY B 101 -1.21 14.38 -3.41
C GLY B 101 -1.45 15.01 -2.06
N SER B 102 -2.03 16.20 -2.08
CA SER B 102 -2.28 16.99 -0.90
C SER B 102 -3.29 16.35 0.03
N ASP B 103 -4.40 15.78 -0.49
CA ASP B 103 -5.38 15.10 0.36
C ASP B 103 -4.79 13.83 0.99
N GLY B 104 -3.95 13.13 0.24
CA GLY B 104 -3.28 11.94 0.78
C GLY B 104 -2.22 12.28 1.82
N GLY B 105 -1.80 13.54 1.88
CA GLY B 105 -0.76 13.97 2.81
C GLY B 105 0.63 13.61 2.30
N GLN B 106 0.82 13.52 0.96
CA GLN B 106 2.11 13.13 0.43
C GLN B 106 3.14 14.24 0.71
N SER B 107 4.24 13.88 1.36
CA SER B 107 5.26 14.85 1.72
C SER B 107 6.37 15.00 0.64
N VAL B 108 7.07 13.92 0.27
CA VAL B 108 8.10 13.98 -0.78
C VAL B 108 7.52 13.50 -2.12
N TYR B 109 7.76 14.26 -3.21
CA TYR B 109 7.29 13.87 -4.52
C TYR B 109 8.24 12.89 -5.21
N HIS B 110 8.43 11.75 -4.54
CA HIS B 110 9.15 10.56 -4.99
C HIS B 110 8.34 9.45 -4.31
N VAL B 111 7.73 8.52 -5.07
CA VAL B 111 6.90 7.41 -4.55
C VAL B 111 7.57 6.69 -3.40
N HIS B 112 6.88 6.56 -2.27
CA HIS B 112 7.42 5.86 -1.14
C HIS B 112 6.37 5.08 -0.40
N LEU B 113 6.72 3.86 -0.04
CA LEU B 113 5.84 3.02 0.73
C LEU B 113 6.27 3.15 2.20
N HIS B 114 5.39 3.65 3.07
CA HIS B 114 5.67 3.71 4.51
C HIS B 114 5.37 2.31 5.08
N VAL B 115 6.11 1.85 6.07
CA VAL B 115 5.82 0.61 6.77
C VAL B 115 5.96 0.96 8.24
N LEU B 116 4.88 0.86 9.01
CA LEU B 116 4.87 1.24 10.41
C LEU B 116 4.40 0.08 11.33
N GLY B 117 5.13 -0.14 12.41
CA GLY B 117 4.81 -1.17 13.39
C GLY B 117 5.43 -0.90 14.75
N GLY B 118 5.35 -1.87 15.64
CA GLY B 118 5.86 -1.71 16.99
C GLY B 118 4.80 -1.24 17.99
N ARG B 119 3.60 -0.91 17.50
CA ARG B 119 2.47 -0.46 18.31
C ARG B 119 1.15 -0.78 17.59
N GLN B 120 0.03 -0.67 18.30
CA GLN B 120 -1.28 -0.86 17.69
C GLN B 120 -1.55 0.29 16.73
N MET B 121 -1.87 -0.03 15.48
CA MET B 121 -2.25 0.98 14.50
C MET B 121 -3.78 1.10 14.60
N HIS B 122 -4.27 2.33 14.57
CA HIS B 122 -5.67 2.64 14.78
C HIS B 122 -6.46 2.85 13.49
N TRP B 123 -7.78 2.86 13.59
CA TRP B 123 -8.68 3.03 12.47
C TRP B 123 -9.64 4.15 12.83
N PRO B 124 -9.84 5.14 11.94
CA PRO B 124 -9.34 5.25 10.55
C PRO B 124 -7.84 5.50 10.43
N PRO B 125 -7.25 5.23 9.24
CA PRO B 125 -5.80 5.43 9.08
C PRO B 125 -5.50 6.89 8.72
N GLY B 126 -5.85 7.79 9.63
CA GLY B 126 -5.74 9.22 9.42
C GLY B 126 -7.07 9.65 8.79
#